data_3K41
#
_entry.id   3K41
#
_cell.length_a   53.234
_cell.length_b   77.112
_cell.length_c   79.903
_cell.angle_alpha   90.000
_cell.angle_beta   90.000
_cell.angle_gamma   90.000
#
_symmetry.space_group_name_H-M   'P 21 21 21'
#
loop_
_entity.id
_entity.type
_entity.pdbx_description
1 polymer 'Cation-dependent mannose-6-phosphate receptor'
2 branched alpha-D-mannopyranose-(1-6)-beta-D-mannopyranose-(1-4)-2-acetamido-2-deoxy-beta-D-glucopyranose-(1-4)-2-acetamido-2-deoxy-beta-D-glucopyranose
3 branched 2-acetamido-2-deoxy-beta-D-glucopyranose-(1-4)-2-acetamido-2-deoxy-beta-D-glucopyranose
4 non-polymer 6-O-phosphono-beta-D-mannopyranose
5 water water
#
_entity_poly.entity_id   1
_entity_poly.type   'polypeptide(L)'
_entity_poly.pdbx_seq_one_letter_code
;TEEKTCDLVGEKGKESEKQLALLKRLTPLFQKSFESTVGQSPDMYSYVFRVCREAGQHSSGAGLVQIQKSNGKETVVGRF
NETQIFQGSNWIMLIYKGGDEYDNHCGREQRRAVVMISCNRHTLADNFNPVSEERGMVQDCFYLFEMDSSLACSHHHHHH
;
_entity_poly.pdbx_strand_id   A,B
#
# COMPACT_ATOMS: atom_id res chain seq x y z
N LYS A 4 -22.79 -8.90 6.45
CA LYS A 4 -22.14 -10.23 6.65
C LYS A 4 -21.06 -10.51 5.62
N THR A 5 -20.68 -9.47 4.86
CA THR A 5 -19.62 -9.61 3.87
C THR A 5 -18.96 -8.26 3.65
N CYS A 6 -17.92 -8.22 2.82
CA CYS A 6 -17.22 -6.98 2.55
C CYS A 6 -18.13 -5.92 1.94
N ASP A 7 -18.01 -4.69 2.43
CA ASP A 7 -18.80 -3.58 1.89
C ASP A 7 -17.82 -2.58 1.31
N LEU A 8 -17.94 -2.36 0.00
CA LEU A 8 -17.06 -1.41 -0.69
C LEU A 8 -17.54 0.01 -0.49
N VAL A 9 -16.81 0.96 -1.06
CA VAL A 9 -17.15 2.37 -0.97
C VAL A 9 -17.85 2.83 -2.24
N SER A 16 -17.74 0.06 -7.61
CA SER A 16 -16.89 -0.35 -8.72
C SER A 16 -17.14 -1.80 -9.11
N GLU A 17 -17.42 -2.02 -10.39
CA GLU A 17 -17.68 -3.36 -10.91
C GLU A 17 -16.43 -4.21 -10.78
N LYS A 18 -15.29 -3.64 -11.13
CA LYS A 18 -14.02 -4.36 -11.03
C LYS A 18 -13.78 -4.83 -9.60
N GLN A 19 -14.10 -3.97 -8.64
CA GLN A 19 -13.90 -4.33 -7.22
C GLN A 19 -14.82 -5.48 -6.80
N LEU A 20 -16.07 -5.44 -7.23
CA LEU A 20 -17.02 -6.50 -6.88
C LEU A 20 -16.54 -7.82 -7.46
N ALA A 21 -15.97 -7.77 -8.67
CA ALA A 21 -15.47 -8.97 -9.32
C ALA A 21 -14.29 -9.52 -8.54
N LEU A 22 -13.44 -8.63 -8.04
CA LEU A 22 -12.28 -9.04 -7.26
C LEU A 22 -12.73 -9.72 -5.97
N LEU A 23 -13.74 -9.14 -5.32
CA LEU A 23 -14.26 -9.74 -4.10
C LEU A 23 -14.77 -11.13 -4.41
N LYS A 24 -15.50 -11.25 -5.50
CA LYS A 24 -16.03 -12.54 -5.92
C LYS A 24 -14.90 -13.55 -6.06
N ARG A 25 -13.80 -13.11 -6.67
CA ARG A 25 -12.64 -13.96 -6.89
C ARG A 25 -12.03 -14.47 -5.58
N LEU A 26 -12.21 -13.73 -4.50
CA LEU A 26 -11.63 -14.14 -3.21
C LEU A 26 -12.56 -15.01 -2.36
N THR A 27 -13.78 -15.23 -2.86
CA THR A 27 -14.77 -16.04 -2.15
C THR A 27 -14.24 -17.31 -1.49
N PRO A 28 -13.39 -18.07 -2.18
CA PRO A 28 -12.89 -19.30 -1.55
C PRO A 28 -12.08 -19.09 -0.27
N LEU A 29 -11.66 -17.85 -0.01
CA LEU A 29 -10.88 -17.57 1.19
C LEU A 29 -11.76 -17.18 2.37
N PHE A 30 -12.99 -16.77 2.08
CA PHE A 30 -13.93 -16.33 3.12
C PHE A 30 -14.05 -17.26 4.33
N GLN A 31 -14.15 -18.56 4.08
CA GLN A 31 -14.29 -19.52 5.17
C GLN A 31 -13.03 -19.80 5.97
N LYS A 32 -11.89 -19.30 5.50
CA LYS A 32 -10.63 -19.52 6.20
C LYS A 32 -10.34 -18.49 7.27
N SER A 33 -9.36 -18.81 8.10
CA SER A 33 -8.90 -17.93 9.16
C SER A 33 -7.38 -18.01 9.12
N PHE A 34 -6.71 -16.88 9.06
CA PHE A 34 -5.26 -16.85 9.00
C PHE A 34 -4.72 -16.22 10.27
N GLU A 35 -3.74 -16.89 10.86
CA GLU A 35 -3.14 -16.44 12.11
C GLU A 35 -1.63 -16.33 12.02
N SER A 36 -1.06 -15.39 12.76
CA SER A 36 0.38 -15.20 12.79
C SER A 36 0.81 -14.41 14.03
N THR A 37 1.61 -15.06 14.88
CA THR A 37 2.12 -14.43 16.10
C THR A 37 3.49 -13.83 15.81
N VAL A 38 3.71 -12.61 16.31
CA VAL A 38 4.98 -11.92 16.10
C VAL A 38 5.34 -10.99 17.26
N GLY A 39 6.58 -10.50 17.25
CA GLY A 39 7.03 -9.60 18.29
C GLY A 39 7.51 -10.29 19.56
N GLN A 40 8.05 -9.49 20.48
CA GLN A 40 8.55 -10.00 21.74
C GLN A 40 7.83 -9.29 22.89
N SER A 41 7.23 -10.06 23.79
CA SER A 41 6.52 -9.47 24.92
C SER A 41 7.42 -8.45 25.61
N PRO A 42 6.84 -7.42 26.24
CA PRO A 42 5.40 -7.14 26.34
C PRO A 42 4.75 -6.67 25.04
N ASP A 43 5.43 -6.85 23.93
CA ASP A 43 4.89 -6.41 22.64
C ASP A 43 4.67 -7.56 21.68
N MET A 44 4.36 -8.72 22.22
CA MET A 44 4.11 -9.90 21.41
C MET A 44 2.65 -9.86 20.99
N TYR A 45 2.40 -9.84 19.69
CA TYR A 45 1.04 -9.79 19.17
C TYR A 45 0.71 -10.97 18.26
N SER A 46 -0.54 -11.35 18.29
CA SER A 46 -1.04 -12.42 17.44
C SER A 46 -2.06 -11.78 16.52
N TYR A 47 -1.85 -11.89 15.22
CA TYR A 47 -2.79 -11.30 14.28
C TYR A 47 -3.67 -12.36 13.62
N VAL A 48 -4.97 -12.11 13.63
CA VAL A 48 -5.96 -13.00 13.01
C VAL A 48 -6.59 -12.21 11.87
N PHE A 49 -6.52 -12.77 10.66
CA PHE A 49 -7.05 -12.13 9.45
C PHE A 49 -8.01 -13.05 8.72
N ARG A 50 -9.11 -12.47 8.26
CA ARG A 50 -10.12 -13.20 7.49
C ARG A 50 -10.56 -12.30 6.34
N VAL A 51 -10.99 -12.92 5.25
CA VAL A 51 -11.46 -12.17 4.08
C VAL A 51 -12.98 -12.07 4.10
N CYS A 52 -13.48 -10.86 4.35
CA CYS A 52 -14.91 -10.57 4.37
C CYS A 52 -15.75 -11.30 5.41
N ARG A 53 -15.10 -11.80 6.46
CA ARG A 53 -15.81 -12.51 7.52
C ARG A 53 -15.26 -12.09 8.89
N GLU A 54 -16.09 -12.23 9.93
CA GLU A 54 -15.70 -11.86 11.31
C GLU A 54 -14.43 -12.53 11.83
N ALA A 55 -13.42 -11.71 12.11
CA ALA A 55 -12.15 -12.22 12.63
C ALA A 55 -12.07 -12.08 14.16
N GLY A 56 -12.95 -11.25 14.73
CA GLY A 56 -12.96 -11.04 16.16
C GLY A 56 -13.93 -11.91 16.95
N GLN A 57 -13.99 -11.67 18.26
CA GLN A 57 -14.87 -12.43 19.15
C GLN A 57 -16.07 -11.61 19.63
N HIS A 58 -16.13 -10.34 19.23
CA HIS A 58 -17.20 -9.47 19.69
C HIS A 58 -18.24 -9.05 18.66
N SER A 59 -18.34 -9.80 17.56
CA SER A 59 -19.33 -9.52 16.51
C SER A 59 -19.29 -8.07 16.04
N SER A 60 -18.12 -7.46 16.10
CA SER A 60 -17.95 -6.05 15.69
C SER A 60 -17.67 -5.85 14.20
N GLY A 61 -17.59 -6.95 13.45
CA GLY A 61 -17.34 -6.85 12.02
C GLY A 61 -15.86 -6.69 11.69
N ALA A 62 -15.00 -7.21 12.56
CA ALA A 62 -13.55 -7.12 12.37
C ALA A 62 -13.05 -8.03 11.26
N GLY A 63 -12.23 -7.48 10.39
CA GLY A 63 -11.66 -8.28 9.31
C GLY A 63 -10.26 -8.69 9.69
N LEU A 64 -9.67 -7.95 10.63
CA LEU A 64 -8.33 -8.25 11.11
C LEU A 64 -8.20 -7.71 12.54
N VAL A 65 -7.76 -8.56 13.45
CA VAL A 65 -7.59 -8.18 14.85
C VAL A 65 -6.18 -8.48 15.33
N GLN A 66 -5.75 -7.70 16.31
CA GLN A 66 -4.44 -7.87 16.91
C GLN A 66 -4.66 -8.32 18.34
N ILE A 67 -4.10 -9.48 18.69
CA ILE A 67 -4.26 -10.01 20.04
C ILE A 67 -2.98 -9.87 20.85
N GLN A 68 -3.09 -9.18 21.99
CA GLN A 68 -1.95 -9.01 22.89
C GLN A 68 -1.78 -10.37 23.58
N LYS A 69 -0.69 -11.06 23.28
CA LYS A 69 -0.46 -12.39 23.86
C LYS A 69 -0.31 -12.45 25.37
N SER A 70 0.10 -11.34 25.99
CA SER A 70 0.28 -11.31 27.44
C SER A 70 -1.02 -11.43 28.22
N ASN A 71 -2.09 -10.81 27.73
CA ASN A 71 -3.36 -10.87 28.44
C ASN A 71 -4.58 -11.25 27.59
N GLY A 72 -4.36 -11.57 26.33
CA GLY A 72 -5.47 -11.93 25.46
C GLY A 72 -6.39 -10.82 25.03
N LYS A 73 -5.97 -9.57 25.25
CA LYS A 73 -6.76 -8.40 24.86
C LYS A 73 -6.86 -8.31 23.34
N GLU A 74 -8.07 -8.07 22.84
CA GLU A 74 -8.27 -7.98 21.40
C GLU A 74 -8.45 -6.56 20.89
N THR A 75 -7.72 -6.21 19.84
CA THR A 75 -7.81 -4.88 19.23
C THR A 75 -8.13 -5.04 17.75
N VAL A 76 -9.18 -4.36 17.29
CA VAL A 76 -9.58 -4.45 15.89
C VAL A 76 -8.71 -3.54 15.03
N VAL A 77 -8.07 -4.10 14.01
CA VAL A 77 -7.19 -3.33 13.14
C VAL A 77 -7.96 -2.73 11.96
N GLY A 78 -8.97 -3.46 11.48
CA GLY A 78 -9.79 -2.99 10.38
C GLY A 78 -11.10 -3.76 10.30
N ARG A 79 -12.14 -3.13 9.80
CA ARG A 79 -13.45 -3.76 9.67
C ARG A 79 -13.82 -3.94 8.19
N PHE A 80 -14.31 -5.14 7.84
CA PHE A 80 -14.65 -5.41 6.44
C PHE A 80 -15.89 -4.63 6.02
N ASN A 81 -16.36 -3.82 6.97
CA ASN A 81 -17.49 -2.93 6.83
C ASN A 81 -17.03 -1.84 5.87
N GLU A 82 -15.73 -1.62 5.85
CA GLU A 82 -15.10 -0.60 5.02
C GLU A 82 -13.92 -1.18 4.24
N THR A 83 -14.23 -1.83 3.12
CA THR A 83 -13.23 -2.47 2.29
C THR A 83 -12.92 -1.76 0.97
N GLN A 84 -11.66 -1.82 0.56
CA GLN A 84 -11.19 -1.28 -0.71
C GLN A 84 -10.31 -2.40 -1.26
N ILE A 85 -10.33 -2.60 -2.57
CA ILE A 85 -9.52 -3.65 -3.16
C ILE A 85 -9.03 -3.26 -4.55
N PHE A 86 -7.75 -3.54 -4.81
CA PHE A 86 -7.12 -3.18 -6.08
C PHE A 86 -6.33 -4.37 -6.63
N GLN A 87 -6.26 -4.46 -7.95
CA GLN A 87 -5.56 -5.55 -8.60
C GLN A 87 -4.37 -5.14 -9.46
N GLY A 88 -3.18 -5.57 -9.07
CA GLY A 88 -1.99 -5.30 -9.85
C GLY A 88 -1.81 -6.49 -10.77
N SER A 89 -0.72 -6.55 -11.52
CA SER A 89 -0.49 -7.66 -12.44
C SER A 89 -0.43 -9.01 -11.73
N ASN A 90 0.33 -9.08 -10.64
CA ASN A 90 0.43 -10.33 -9.90
C ASN A 90 0.24 -10.22 -8.40
N TRP A 91 -0.56 -9.23 -7.98
CA TRP A 91 -0.88 -9.05 -6.57
C TRP A 91 -2.20 -8.32 -6.44
N ILE A 92 -2.81 -8.50 -5.27
CA ILE A 92 -4.08 -7.88 -4.95
C ILE A 92 -3.90 -7.15 -3.64
N MET A 93 -4.32 -5.88 -3.59
CA MET A 93 -4.22 -5.10 -2.36
C MET A 93 -5.59 -5.01 -1.73
N LEU A 94 -5.72 -5.51 -0.51
CA LEU A 94 -6.98 -5.47 0.23
C LEU A 94 -6.84 -4.52 1.41
N ILE A 95 -7.76 -3.58 1.53
CA ILE A 95 -7.71 -2.62 2.62
C ILE A 95 -8.97 -2.64 3.49
N TYR A 96 -8.78 -2.69 4.81
CA TYR A 96 -9.90 -2.63 5.75
C TYR A 96 -9.66 -1.39 6.63
N LYS A 97 -10.58 -0.43 6.58
CA LYS A 97 -10.48 0.77 7.40
C LYS A 97 -11.48 0.60 8.54
N GLY A 98 -11.63 1.60 9.40
CA GLY A 98 -12.60 1.49 10.47
C GLY A 98 -12.20 0.70 11.71
N GLY A 99 -10.90 0.49 11.92
CA GLY A 99 -10.48 -0.24 13.09
C GLY A 99 -10.60 0.59 14.37
N ASP A 100 -10.21 0.02 15.51
CA ASP A 100 -10.27 0.75 16.77
C ASP A 100 -9.35 1.95 16.74
N GLU A 101 -9.74 3.03 17.40
CA GLU A 101 -8.94 4.23 17.42
C GLU A 101 -7.71 4.14 18.31
N TYR A 102 -6.64 4.80 17.86
CA TYR A 102 -5.40 4.88 18.62
C TYR A 102 -5.72 5.83 19.76
N ASP A 103 -5.04 5.71 20.89
CA ASP A 103 -5.27 6.61 22.02
C ASP A 103 -4.29 7.78 21.96
N ASN A 104 -3.13 7.57 21.35
CA ASN A 104 -2.12 8.62 21.29
C ASN A 104 -1.51 8.88 19.93
N HIS A 105 -1.23 7.82 19.18
CA HIS A 105 -0.63 7.96 17.85
C HIS A 105 -1.63 8.39 16.79
N CYS A 106 -1.09 8.82 15.65
CA CYS A 106 -1.90 9.15 14.49
C CYS A 106 -3.16 10.00 14.70
N GLY A 107 -3.08 11.02 15.55
CA GLY A 107 -4.23 11.86 15.79
C GLY A 107 -5.46 11.10 16.27
N ARG A 108 -5.24 9.96 16.91
CA ARG A 108 -6.33 9.14 17.45
C ARG A 108 -7.30 8.66 16.40
N GLU A 109 -6.85 8.53 15.15
CA GLU A 109 -7.71 8.06 14.09
C GLU A 109 -7.93 6.56 14.24
N GLN A 110 -8.86 6.04 13.46
CA GLN A 110 -9.18 4.62 13.45
C GLN A 110 -8.03 3.87 12.80
N ARG A 111 -7.71 2.70 13.33
CA ARG A 111 -6.65 1.89 12.76
C ARG A 111 -7.09 1.42 11.38
N ARG A 112 -6.14 0.95 10.59
CA ARG A 112 -6.44 0.50 9.23
C ARG A 112 -5.49 -0.64 8.87
N ALA A 113 -5.97 -1.57 8.04
CA ALA A 113 -5.14 -2.69 7.62
C ALA A 113 -4.97 -2.69 6.10
N VAL A 114 -3.73 -2.88 5.65
CA VAL A 114 -3.44 -2.94 4.22
C VAL A 114 -2.78 -4.30 4.03
N VAL A 115 -3.41 -5.16 3.25
CA VAL A 115 -2.86 -6.49 3.03
C VAL A 115 -2.46 -6.72 1.58
N MET A 116 -1.18 -6.98 1.36
CA MET A 116 -0.66 -7.25 0.02
C MET A 116 -0.72 -8.75 -0.24
N ILE A 117 -1.63 -9.17 -1.11
CA ILE A 117 -1.78 -10.57 -1.44
C ILE A 117 -1.03 -10.82 -2.75
N SER A 118 0.13 -11.46 -2.62
CA SER A 118 0.97 -11.76 -3.77
C SER A 118 0.73 -13.13 -4.38
N CYS A 119 0.97 -13.20 -5.69
CA CYS A 119 0.80 -14.44 -6.43
C CYS A 119 1.75 -15.55 -5.97
N ASN A 120 1.20 -16.75 -5.87
CA ASN A 120 1.94 -17.93 -5.49
C ASN A 120 1.10 -19.06 -6.07
N ARG A 121 1.58 -19.66 -7.14
CA ARG A 121 0.87 -20.72 -7.84
C ARG A 121 0.68 -21.99 -7.00
N HIS A 122 1.56 -22.18 -6.01
CA HIS A 122 1.55 -23.37 -5.18
C HIS A 122 0.62 -23.43 -3.97
N THR A 123 -0.11 -22.35 -3.70
CA THR A 123 -1.03 -22.35 -2.56
C THR A 123 -2.23 -21.43 -2.74
N LEU A 124 -3.37 -21.86 -2.22
CA LEU A 124 -4.60 -21.08 -2.30
C LEU A 124 -4.47 -19.86 -1.38
N ALA A 125 -3.79 -20.06 -0.25
CA ALA A 125 -3.56 -18.98 0.71
C ALA A 125 -2.64 -19.47 1.81
N ASP A 126 -1.53 -18.75 2.02
CA ASP A 126 -0.59 -19.14 3.06
C ASP A 126 0.39 -18.00 3.30
N ASN A 127 1.18 -18.15 4.35
CA ASN A 127 2.21 -17.19 4.70
C ASN A 127 1.71 -15.81 5.10
N PHE A 128 0.61 -15.77 5.85
CA PHE A 128 0.08 -14.51 6.32
C PHE A 128 1.02 -13.99 7.40
N ASN A 129 1.44 -12.74 7.30
CA ASN A 129 2.34 -12.17 8.29
C ASN A 129 2.33 -10.65 8.30
N PRO A 130 2.58 -10.06 9.48
CA PRO A 130 2.59 -8.61 9.61
C PRO A 130 3.90 -8.18 8.92
N VAL A 131 3.92 -7.01 8.30
CA VAL A 131 5.10 -6.52 7.62
C VAL A 131 5.67 -5.34 8.39
N SER A 132 4.79 -4.45 8.80
CA SER A 132 5.20 -3.27 9.54
C SER A 132 3.97 -2.48 9.98
N GLU A 133 4.17 -1.56 10.92
CA GLU A 133 3.07 -0.70 11.34
C GLU A 133 3.55 0.73 11.21
N GLU A 134 2.93 1.46 10.30
CA GLU A 134 3.30 2.86 10.13
C GLU A 134 2.42 3.63 11.11
N ARG A 135 2.98 4.05 12.24
CA ARG A 135 2.22 4.81 13.22
C ARG A 135 2.91 6.13 13.54
N GLY A 136 3.79 6.56 12.65
CA GLY A 136 4.51 7.80 12.88
C GLY A 136 4.03 9.01 12.09
N MET A 137 2.87 8.91 11.46
CA MET A 137 2.33 10.02 10.68
C MET A 137 1.25 10.72 11.50
N VAL A 138 0.87 11.93 11.08
CA VAL A 138 -0.17 12.69 11.77
C VAL A 138 -1.52 12.08 11.44
N GLN A 139 -1.62 11.48 10.26
CA GLN A 139 -2.86 10.85 9.83
C GLN A 139 -2.51 9.85 8.74
N ASP A 140 -3.48 9.01 8.39
CA ASP A 140 -3.28 8.00 7.36
C ASP A 140 -2.24 6.97 7.75
N CYS A 141 -2.21 6.60 9.02
CA CYS A 141 -1.29 5.57 9.47
C CYS A 141 -1.87 4.25 8.99
N PHE A 142 -1.16 3.15 9.19
CA PHE A 142 -1.66 1.86 8.76
C PHE A 142 -0.78 0.68 9.18
N TYR A 143 -1.42 -0.48 9.30
CA TYR A 143 -0.75 -1.74 9.60
C TYR A 143 -0.62 -2.40 8.24
N LEU A 144 0.59 -2.84 7.90
CA LEU A 144 0.87 -3.47 6.63
C LEU A 144 1.10 -4.97 6.81
N PHE A 145 0.43 -5.77 5.97
CA PHE A 145 0.53 -7.23 6.04
C PHE A 145 0.78 -7.82 4.66
N GLU A 146 1.14 -9.10 4.64
CA GLU A 146 1.37 -9.82 3.39
C GLU A 146 0.81 -11.24 3.52
N MET A 147 0.56 -11.87 2.38
CA MET A 147 0.06 -13.24 2.34
C MET A 147 0.13 -13.66 0.87
N ASP A 148 0.32 -14.97 0.64
CA ASP A 148 0.40 -15.51 -0.72
C ASP A 148 -0.93 -16.17 -1.09
N SER A 149 -1.24 -16.17 -2.37
CA SER A 149 -2.47 -16.79 -2.88
C SER A 149 -2.40 -16.95 -4.39
N SER A 150 -2.81 -18.11 -4.87
CA SER A 150 -2.82 -18.37 -6.30
C SER A 150 -3.85 -17.46 -6.98
N LEU A 151 -4.85 -17.05 -6.21
CA LEU A 151 -5.91 -16.18 -6.72
C LEU A 151 -5.39 -14.81 -7.14
N ALA A 152 -4.18 -14.47 -6.71
CA ALA A 152 -3.58 -13.19 -7.04
C ALA A 152 -2.78 -13.25 -8.34
N CYS A 153 -2.56 -14.46 -8.84
CA CYS A 153 -1.80 -14.65 -10.08
C CYS A 153 -2.62 -14.27 -11.29
N SER A 154 -1.98 -13.57 -12.23
CA SER A 154 -2.66 -13.18 -13.47
C SER A 154 -2.93 -14.44 -14.29
N LYS B 4 19.14 16.35 -2.23
CA LYS B 4 18.95 16.03 -3.67
C LYS B 4 18.49 14.59 -3.85
N THR B 5 18.11 13.95 -2.74
CA THR B 5 17.64 12.56 -2.78
C THR B 5 16.37 12.41 -1.93
N CYS B 6 15.94 11.17 -1.72
CA CYS B 6 14.75 10.92 -0.93
C CYS B 6 14.90 11.39 0.52
N ASP B 7 13.83 11.94 1.07
CA ASP B 7 13.80 12.38 2.46
C ASP B 7 12.67 11.58 3.08
N LEU B 8 12.92 10.96 4.22
CA LEU B 8 11.91 10.17 4.89
C LEU B 8 10.97 11.01 5.75
N VAL B 9 9.73 10.54 5.86
CA VAL B 9 8.74 11.21 6.69
C VAL B 9 8.29 10.17 7.71
N GLY B 10 7.96 10.63 8.91
CA GLY B 10 7.52 9.71 9.95
C GLY B 10 8.37 9.88 11.19
N GLU B 11 8.18 8.99 12.17
CA GLU B 11 8.94 9.05 13.40
C GLU B 11 10.38 8.54 13.23
N LYS B 12 11.34 9.31 13.74
CA LYS B 12 12.75 8.94 13.64
C LYS B 12 13.05 7.87 14.69
N GLY B 13 13.81 6.86 14.30
CA GLY B 13 14.14 5.81 15.24
C GLY B 13 14.64 4.55 14.55
N LYS B 14 14.49 3.41 15.21
CA LYS B 14 14.94 2.15 14.65
C LYS B 14 14.32 1.87 13.28
N GLU B 15 13.04 2.16 13.12
CA GLU B 15 12.35 1.93 11.86
C GLU B 15 12.84 2.87 10.76
N SER B 16 13.04 4.13 11.11
CA SER B 16 13.53 5.13 10.17
C SER B 16 14.90 4.69 9.63
N GLU B 17 15.72 4.17 10.54
CA GLU B 17 17.05 3.72 10.22
C GLU B 17 17.02 2.57 9.19
N LYS B 18 16.05 1.68 9.32
CA LYS B 18 15.92 0.57 8.39
C LYS B 18 15.50 1.07 7.01
N GLN B 19 14.65 2.10 6.99
CA GLN B 19 14.18 2.67 5.72
C GLN B 19 15.31 3.37 4.97
N LEU B 20 16.28 3.92 5.70
CA LEU B 20 17.41 4.58 5.03
C LEU B 20 18.21 3.51 4.31
N ALA B 21 18.34 2.36 4.95
CA ALA B 21 19.07 1.23 4.37
C ALA B 21 18.42 0.78 3.07
N LEU B 22 17.08 0.72 3.05
CA LEU B 22 16.36 0.31 1.85
C LEU B 22 16.58 1.28 0.70
N LEU B 23 16.53 2.58 1.00
CA LEU B 23 16.73 3.60 -0.02
C LEU B 23 18.13 3.45 -0.61
N LYS B 24 19.09 3.18 0.25
CA LYS B 24 20.48 3.00 -0.14
C LYS B 24 20.59 1.85 -1.13
N ARG B 25 19.88 0.77 -0.85
CA ARG B 25 19.92 -0.41 -1.73
C ARG B 25 19.39 -0.08 -3.13
N LEU B 26 18.50 0.90 -3.22
CA LEU B 26 17.91 1.28 -4.52
C LEU B 26 18.76 2.25 -5.33
N THR B 27 19.93 2.60 -4.82
CA THR B 27 20.84 3.54 -5.50
C THR B 27 21.04 3.29 -6.99
N PRO B 28 21.28 2.02 -7.39
CA PRO B 28 21.47 1.78 -8.83
C PRO B 28 20.31 2.21 -9.73
N LEU B 29 19.14 2.46 -9.13
CA LEU B 29 17.98 2.88 -9.90
C LEU B 29 17.84 4.40 -10.03
N PHE B 30 18.53 5.15 -9.18
CA PHE B 30 18.43 6.61 -9.19
C PHE B 30 18.60 7.29 -10.56
N GLN B 31 19.61 6.88 -11.32
CA GLN B 31 19.91 7.48 -12.63
C GLN B 31 18.88 7.16 -13.71
N LYS B 32 18.02 6.18 -13.46
CA LYS B 32 17.00 5.79 -14.44
C LYS B 32 15.73 6.64 -14.40
N SER B 33 14.90 6.45 -15.43
CA SER B 33 13.63 7.14 -15.55
C SER B 33 12.68 6.11 -16.13
N PHE B 34 11.49 5.97 -15.53
CA PHE B 34 10.50 4.99 -15.98
C PHE B 34 9.25 5.72 -16.46
N GLU B 35 8.70 5.30 -17.59
CA GLU B 35 7.49 5.93 -18.11
C GLU B 35 6.50 4.91 -18.62
N SER B 36 5.23 5.29 -18.58
CA SER B 36 4.14 4.44 -19.05
C SER B 36 2.95 5.32 -19.45
N THR B 37 2.38 5.04 -20.61
CA THR B 37 1.23 5.78 -21.10
C THR B 37 0.01 4.88 -21.07
N VAL B 38 -1.08 5.38 -20.50
CA VAL B 38 -2.32 4.62 -20.40
C VAL B 38 -3.53 5.51 -20.67
N GLY B 39 -4.69 4.89 -20.85
CA GLY B 39 -5.90 5.64 -21.09
C GLY B 39 -6.23 5.97 -22.53
N GLN B 40 -7.46 6.42 -22.76
CA GLN B 40 -7.93 6.79 -24.09
C GLN B 40 -8.29 8.28 -24.11
N SER B 41 -8.19 8.89 -25.28
CA SER B 41 -8.52 10.30 -25.41
C SER B 41 -9.95 10.53 -24.90
N PRO B 42 -10.21 11.70 -24.31
CA PRO B 42 -9.28 12.81 -24.13
C PRO B 42 -8.49 12.67 -22.82
N ASP B 43 -8.56 11.48 -22.23
CA ASP B 43 -7.87 11.24 -20.96
C ASP B 43 -6.65 10.33 -21.06
N MET B 44 -5.82 10.55 -22.07
CA MET B 44 -4.61 9.73 -22.23
C MET B 44 -3.53 10.33 -21.34
N TYR B 45 -2.96 9.51 -20.45
CA TYR B 45 -1.93 9.98 -19.54
C TYR B 45 -0.60 9.24 -19.63
N SER B 46 0.48 9.96 -19.38
CA SER B 46 1.82 9.39 -19.35
C SER B 46 2.34 9.65 -17.94
N TYR B 47 2.76 8.59 -17.26
CA TYR B 47 3.31 8.76 -15.92
C TYR B 47 4.81 8.53 -15.98
N VAL B 48 5.56 9.43 -15.33
CA VAL B 48 7.01 9.31 -15.31
C VAL B 48 7.39 9.14 -13.85
N PHE B 49 8.14 8.09 -13.56
CA PHE B 49 8.54 7.76 -12.20
C PHE B 49 10.05 7.63 -12.08
N ARG B 50 10.60 8.16 -10.99
CA ARG B 50 12.02 8.05 -10.73
C ARG B 50 12.23 7.75 -9.25
N VAL B 51 13.36 7.15 -8.92
CA VAL B 51 13.68 6.81 -7.54
C VAL B 51 14.64 7.85 -6.96
N CYS B 52 14.11 8.69 -6.07
CA CYS B 52 14.86 9.75 -5.40
C CYS B 52 15.49 10.83 -6.28
N ARG B 53 14.95 11.03 -7.47
CA ARG B 53 15.46 12.04 -8.38
C ARG B 53 14.30 12.77 -9.07
N GLU B 54 14.58 13.95 -9.61
CA GLU B 54 13.57 14.78 -10.27
C GLU B 54 12.95 14.12 -11.51
N ALA B 55 11.66 13.80 -11.40
CA ALA B 55 10.95 13.16 -12.51
C ALA B 55 10.16 14.19 -13.31
N GLY B 56 10.09 15.42 -12.81
CA GLY B 56 9.35 16.46 -13.51
C GLY B 56 10.20 17.38 -14.36
N GLN B 57 9.55 18.32 -15.05
CA GLN B 57 10.23 19.26 -15.92
C GLN B 57 10.40 20.65 -15.31
N HIS B 58 10.03 20.84 -14.05
CA HIS B 58 10.14 22.16 -13.42
C HIS B 58 10.84 22.27 -12.07
N SER B 59 11.72 21.31 -11.76
CA SER B 59 12.45 21.37 -10.50
C SER B 59 11.55 21.52 -9.26
N SER B 60 10.44 20.78 -9.24
CA SER B 60 9.50 20.85 -8.12
C SER B 60 9.80 19.78 -7.07
N GLY B 61 10.74 18.90 -7.39
CA GLY B 61 11.09 17.83 -6.46
C GLY B 61 10.15 16.64 -6.64
N ALA B 62 9.50 16.59 -7.80
CA ALA B 62 8.57 15.51 -8.10
C ALA B 62 9.27 14.16 -8.24
N GLY B 63 8.69 13.13 -7.63
CA GLY B 63 9.24 11.79 -7.72
C GLY B 63 8.43 11.04 -8.77
N LEU B 64 7.21 11.51 -9.01
CA LEU B 64 6.35 10.90 -10.02
C LEU B 64 5.39 11.95 -10.52
N VAL B 65 5.29 12.08 -11.83
CA VAL B 65 4.39 13.06 -12.40
C VAL B 65 3.46 12.41 -13.41
N GLN B 66 2.35 13.10 -13.68
CA GLN B 66 1.35 12.64 -14.63
C GLN B 66 1.31 13.71 -15.72
N ILE B 67 1.40 13.29 -16.97
CA ILE B 67 1.37 14.22 -18.09
C ILE B 67 0.20 13.94 -19.02
N GLN B 68 -0.64 14.95 -19.23
CA GLN B 68 -1.78 14.81 -20.13
C GLN B 68 -1.21 14.81 -21.56
N LYS B 69 -1.34 13.67 -22.23
CA LYS B 69 -0.83 13.52 -23.60
C LYS B 69 -1.32 14.59 -24.58
N SER B 70 -2.62 14.83 -24.60
CA SER B 70 -3.19 15.83 -25.52
C SER B 70 -2.40 17.14 -25.42
N ASN B 71 -2.38 17.71 -24.23
CA ASN B 71 -1.65 18.95 -23.96
C ASN B 71 -0.69 18.62 -22.83
N GLY B 72 0.61 18.64 -23.11
CA GLY B 72 1.63 18.32 -22.14
C GLY B 72 1.54 18.86 -20.73
N LYS B 73 0.34 19.04 -20.21
CA LYS B 73 0.16 19.54 -18.85
C LYS B 73 0.73 18.52 -17.85
N GLU B 74 1.63 18.99 -17.00
CA GLU B 74 2.27 18.14 -16.01
C GLU B 74 1.72 18.36 -14.61
N THR B 75 1.31 17.26 -13.98
CA THR B 75 0.77 17.29 -12.62
C THR B 75 1.68 16.45 -11.73
N VAL B 76 2.07 16.99 -10.59
CA VAL B 76 2.94 16.25 -9.68
C VAL B 76 2.10 15.32 -8.80
N VAL B 77 2.37 14.03 -8.89
CA VAL B 77 1.64 13.02 -8.12
C VAL B 77 2.24 12.85 -6.71
N GLY B 78 3.56 12.95 -6.63
CA GLY B 78 4.22 12.81 -5.34
C GLY B 78 5.63 13.37 -5.40
N ARG B 79 6.14 13.82 -4.25
CA ARG B 79 7.49 14.37 -4.17
C ARG B 79 8.38 13.49 -3.31
N PHE B 80 9.62 13.25 -3.75
CA PHE B 80 10.51 12.37 -3.01
C PHE B 80 11.05 12.92 -1.71
N ASN B 81 10.73 14.17 -1.38
CA ASN B 81 11.18 14.73 -0.11
C ASN B 81 10.18 14.32 0.98
N GLU B 82 9.18 13.52 0.57
CA GLU B 82 8.17 13.02 1.49
C GLU B 82 7.98 11.53 1.19
N THR B 83 9.03 10.77 1.46
CA THR B 83 9.05 9.34 1.18
C THR B 83 8.86 8.43 2.39
N GLN B 84 8.18 7.31 2.14
CA GLN B 84 7.98 6.27 3.13
C GLN B 84 8.33 5.02 2.35
N ILE B 85 8.96 4.04 3.00
CA ILE B 85 9.32 2.83 2.27
C ILE B 85 9.29 1.64 3.23
N PHE B 86 8.79 0.51 2.74
CA PHE B 86 8.67 -0.69 3.57
C PHE B 86 9.08 -1.95 2.84
N GLN B 87 9.78 -2.84 3.54
CA GLN B 87 10.23 -4.10 2.96
C GLN B 87 9.36 -5.28 3.35
N GLY B 88 8.71 -5.86 2.34
CA GLY B 88 7.88 -7.03 2.54
C GLY B 88 8.75 -8.23 2.19
N SER B 89 8.23 -9.44 2.33
CA SER B 89 9.05 -10.61 2.03
C SER B 89 9.56 -10.62 0.58
N ASN B 90 8.67 -10.37 -0.38
CA ASN B 90 9.04 -10.40 -1.79
C ASN B 90 8.73 -9.12 -2.56
N TRP B 91 8.58 -8.02 -1.83
CA TRP B 91 8.29 -6.74 -2.46
C TRP B 91 8.69 -5.57 -1.56
N ILE B 92 8.71 -4.39 -2.16
CA ILE B 92 9.03 -3.17 -1.45
C ILE B 92 7.90 -2.19 -1.77
N MET B 93 7.34 -1.55 -0.75
CA MET B 93 6.30 -0.57 -0.99
C MET B 93 6.93 0.81 -0.83
N LEU B 94 6.88 1.59 -1.90
CA LEU B 94 7.46 2.93 -1.90
C LEU B 94 6.34 3.96 -2.03
N ILE B 95 6.35 4.95 -1.14
CA ILE B 95 5.31 5.97 -1.16
C ILE B 95 5.91 7.36 -1.29
N TYR B 96 5.31 8.19 -2.13
CA TYR B 96 5.75 9.58 -2.31
C TYR B 96 4.52 10.43 -2.00
N LYS B 97 4.59 11.21 -0.92
CA LYS B 97 3.47 12.07 -0.56
C LYS B 97 3.75 13.48 -1.09
N GLY B 98 2.91 14.42 -0.71
CA GLY B 98 3.09 15.81 -1.10
C GLY B 98 2.98 16.17 -2.57
N GLY B 99 2.09 15.51 -3.31
CA GLY B 99 1.92 15.85 -4.72
C GLY B 99 1.06 17.10 -4.83
N ASP B 100 0.71 17.49 -6.06
CA ASP B 100 -0.12 18.67 -6.26
C ASP B 100 -1.52 18.39 -5.70
N GLU B 101 -2.14 19.43 -5.15
CA GLU B 101 -3.47 19.32 -4.56
C GLU B 101 -4.60 19.11 -5.56
N TYR B 102 -5.60 18.34 -5.13
CA TYR B 102 -6.80 18.09 -5.92
C TYR B 102 -7.62 19.37 -5.73
N ASP B 103 -8.48 19.69 -6.70
CA ASP B 103 -9.35 20.87 -6.61
C ASP B 103 -10.72 20.44 -6.06
N ASN B 104 -11.22 19.30 -6.54
CA ASN B 104 -12.53 18.81 -6.14
C ASN B 104 -12.53 17.52 -5.33
N HIS B 105 -11.80 16.51 -5.82
CA HIS B 105 -11.75 15.22 -5.13
C HIS B 105 -10.91 15.26 -3.86
N CYS B 106 -11.07 14.19 -3.08
CA CYS B 106 -10.28 13.95 -1.89
C CYS B 106 -10.04 15.06 -0.88
N GLY B 107 -11.09 15.83 -0.57
CA GLY B 107 -10.94 16.91 0.39
C GLY B 107 -9.90 17.94 -0.03
N ARG B 108 -9.56 17.97 -1.32
CA ARG B 108 -8.56 18.90 -1.85
C ARG B 108 -7.16 18.67 -1.29
N GLU B 109 -6.89 17.45 -0.84
CA GLU B 109 -5.58 17.13 -0.27
C GLU B 109 -4.52 16.99 -1.36
N GLN B 110 -3.28 16.89 -0.94
CA GLN B 110 -2.18 16.73 -1.89
C GLN B 110 -2.22 15.31 -2.43
N ARG B 111 -1.88 15.15 -3.71
CA ARG B 111 -1.86 13.83 -4.33
C ARG B 111 -0.75 13.00 -3.70
N ARG B 112 -0.81 11.70 -3.90
CA ARG B 112 0.18 10.78 -3.34
C ARG B 112 0.34 9.58 -4.27
N ALA B 113 1.56 9.05 -4.33
CA ALA B 113 1.89 7.89 -5.15
C ALA B 113 2.31 6.70 -4.28
N VAL B 114 1.77 5.53 -4.57
CA VAL B 114 2.11 4.31 -3.86
C VAL B 114 2.60 3.36 -4.96
N VAL B 115 3.88 2.97 -4.87
CA VAL B 115 4.46 2.08 -5.88
C VAL B 115 4.87 0.75 -5.27
N MET B 116 4.28 -0.33 -5.76
CA MET B 116 4.61 -1.65 -5.26
C MET B 116 5.69 -2.23 -6.17
N ILE B 117 6.90 -2.33 -5.64
CA ILE B 117 8.04 -2.86 -6.39
C ILE B 117 8.18 -4.34 -6.03
N SER B 118 7.75 -5.23 -6.93
CA SER B 118 7.81 -6.65 -6.69
C SER B 118 9.13 -7.28 -7.14
N CYS B 119 9.52 -8.33 -6.43
CA CYS B 119 10.74 -9.06 -6.73
C CYS B 119 10.65 -9.72 -8.10
N ASN B 120 11.72 -9.62 -8.87
CA ASN B 120 11.84 -10.23 -10.19
C ASN B 120 13.32 -10.42 -10.42
N ARG B 121 13.80 -11.66 -10.25
CA ARG B 121 15.20 -12.02 -10.40
C ARG B 121 15.79 -11.71 -11.78
N HIS B 122 14.94 -11.57 -12.79
CA HIS B 122 15.40 -11.34 -14.15
C HIS B 122 15.74 -9.92 -14.60
N THR B 123 15.40 -8.92 -13.78
CA THR B 123 15.68 -7.54 -14.17
C THR B 123 15.92 -6.60 -13.00
N LEU B 124 16.81 -5.62 -13.21
CA LEU B 124 17.12 -4.64 -12.18
C LEU B 124 15.91 -3.72 -12.02
N ALA B 125 15.20 -3.47 -13.11
CA ALA B 125 14.03 -2.61 -13.11
C ALA B 125 13.31 -2.69 -14.45
N ASP B 126 11.99 -2.90 -14.40
CA ASP B 126 11.22 -3.00 -15.61
C ASP B 126 9.73 -3.10 -15.30
N ASN B 127 8.92 -2.99 -16.34
CA ASN B 127 7.47 -3.09 -16.24
C ASN B 127 6.75 -2.12 -15.33
N PHE B 128 7.20 -0.87 -15.31
CA PHE B 128 6.55 0.16 -14.51
C PHE B 128 5.17 0.33 -15.16
N ASN B 129 4.11 0.26 -14.35
CA ASN B 129 2.76 0.40 -14.85
C ASN B 129 1.79 0.97 -13.82
N PRO B 130 0.91 1.87 -14.27
CA PRO B 130 -0.08 2.49 -13.38
C PRO B 130 -1.13 1.40 -13.12
N VAL B 131 -1.62 1.29 -11.89
CA VAL B 131 -2.62 0.29 -11.57
C VAL B 131 -3.98 0.94 -11.45
N SER B 132 -4.07 2.00 -10.65
CA SER B 132 -5.33 2.71 -10.49
C SER B 132 -5.16 3.95 -9.65
N GLU B 133 -6.16 4.82 -9.70
CA GLU B 133 -6.16 6.04 -8.91
C GLU B 133 -7.38 5.99 -8.00
N GLU B 134 -7.14 5.91 -6.69
CA GLU B 134 -8.22 5.89 -5.71
C GLU B 134 -8.53 7.35 -5.41
N ARG B 135 -9.56 7.89 -6.05
CA ARG B 135 -9.95 9.28 -5.81
C ARG B 135 -11.40 9.36 -5.34
N GLY B 136 -11.91 8.23 -4.84
CA GLY B 136 -13.29 8.19 -4.38
C GLY B 136 -13.49 8.38 -2.89
N MET B 137 -12.43 8.71 -2.17
CA MET B 137 -12.51 8.92 -0.74
C MET B 137 -12.50 10.41 -0.46
N VAL B 138 -12.90 10.81 0.75
CA VAL B 138 -12.91 12.22 1.11
C VAL B 138 -11.51 12.57 1.62
N GLN B 139 -10.71 11.53 1.86
CA GLN B 139 -9.33 11.71 2.31
C GLN B 139 -8.56 10.41 2.15
N ASP B 140 -7.23 10.48 2.19
CA ASP B 140 -6.39 9.30 2.05
C ASP B 140 -6.46 8.67 0.66
N CYS B 141 -6.58 9.50 -0.37
CA CYS B 141 -6.62 9.01 -1.74
C CYS B 141 -5.19 8.70 -2.18
N PHE B 142 -5.04 8.07 -3.35
CA PHE B 142 -3.71 7.77 -3.87
C PHE B 142 -3.72 7.21 -5.28
N TYR B 143 -2.58 7.33 -5.94
CA TYR B 143 -2.39 6.77 -7.27
C TYR B 143 -1.56 5.53 -6.97
N LEU B 144 -1.97 4.37 -7.48
CA LEU B 144 -1.26 3.14 -7.22
C LEU B 144 -0.51 2.66 -8.47
N PHE B 145 0.75 2.24 -8.30
CA PHE B 145 1.57 1.77 -9.41
C PHE B 145 2.31 0.49 -9.03
N GLU B 146 2.87 -0.17 -10.04
CA GLU B 146 3.65 -1.39 -9.83
C GLU B 146 4.89 -1.36 -10.73
N MET B 147 5.90 -2.09 -10.33
CA MET B 147 7.15 -2.20 -11.10
C MET B 147 7.90 -3.42 -10.59
N ASP B 148 8.73 -4.02 -11.45
CA ASP B 148 9.54 -5.17 -11.06
C ASP B 148 10.97 -4.75 -10.83
N SER B 149 11.64 -5.39 -9.89
CA SER B 149 13.04 -5.10 -9.60
C SER B 149 13.66 -6.22 -8.78
N SER B 150 14.86 -6.64 -9.19
CA SER B 150 15.56 -7.71 -8.49
C SER B 150 15.98 -7.23 -7.10
N LEU B 151 16.04 -5.90 -6.92
CA LEU B 151 16.44 -5.32 -5.64
C LEU B 151 15.46 -5.52 -4.48
N ALA B 152 14.24 -5.96 -4.80
CA ALA B 152 13.26 -6.18 -3.75
C ALA B 152 13.30 -7.64 -3.28
N CYS B 153 14.04 -8.47 -4.01
CA CYS B 153 14.17 -9.89 -3.69
C CYS B 153 15.00 -10.20 -2.47
N SER B 154 14.71 -11.33 -1.85
CA SER B 154 15.45 -11.78 -0.68
C SER B 154 16.81 -12.28 -1.17
#